data_6N0W
#
_entry.id   6N0W
#
_cell.length_a   197.290
_cell.length_b   37.560
_cell.length_c   81.760
_cell.angle_alpha   90.000
_cell.angle_beta   112.400
_cell.angle_gamma   90.000
#
_symmetry.space_group_name_H-M   'C 1 2 1'
#
loop_
_entity.id
_entity.type
_entity.pdbx_description
1 polymer 'Tyrosine--tRNA ligase'
2 water water
#
_entity_poly.entity_id   1
_entity_poly.type   'polypeptide(L)'
_entity_poly.pdbx_seq_one_letter_code
;MAHHHHHHMNAFIEELKWRGLWADMTPGTEDQLNKEMTTAYIGFDPTADSLHIGSLIPIKILAHFQRHGHKPIALVGGAT
GMIGDPSGKSAERNLLDEETLLYYVDCLKNQLSRFLDFEGDGPNRAELVNNYDWMKNVTFLDFAKNIGKHITVNYMMAKD
SVKKRFSGEDGADGMSFTEFTYQLLQGYDYLHLYKEKGVKLQMGGSDQWGNITTGTELIRRKAQGEAFALTTKLITKADG
SKFGKSESGENYWLDAKRTSPYRFYQFWLNATDEDGERFIKFYTFLEKEEIDKLIEEHRTAPHERKLQKKLAEEVTVWVH
GRAEYKRALKASEILFGRSTAEDLVSLDEELFLQIFDGVPQKEVAKSEVIGSNIVDLISDKSGFLKSKGEAKRELTGNAI
SVNKEKVNDTFEVSEKDLIDGKFLLLQKGKKSYFIVKTV(UNK)(UNK)(UNK)(UNK)(UNK)(UNK)(UNK)(UNK)
(UNK)(UNK)(UNK)(UNK)(UNK)(UNK)(UNK)(UNK)(UNK)(UNK)(UNK)(UNK)(UNK)(UNK)(UNK)(UNK)
(UNK)(UNK)(UNK)(UNK)(UNK)(UNK)(UNK)(UNK)(UNK)(UNK)(UNK)(UNK)(UNK)(UNK)(UNK)(UNK)
(UNK)
;
_entity_poly.pdbx_strand_id   A
#
# COMPACT_ATOMS: atom_id res chain seq x y z
N MET A 9 -1.13 -22.17 -17.33
CA MET A 9 -0.97 -22.57 -15.94
C MET A 9 0.34 -22.03 -15.37
N ASN A 10 0.32 -20.78 -14.93
CA ASN A 10 1.48 -20.11 -14.39
C ASN A 10 1.40 -20.03 -12.87
N ALA A 11 2.56 -20.10 -12.21
CA ALA A 11 2.59 -20.16 -10.75
C ALA A 11 2.24 -18.82 -10.13
N PHE A 12 2.70 -17.71 -10.72
CA PHE A 12 2.41 -16.40 -10.15
C PHE A 12 0.93 -16.06 -10.26
N ILE A 13 0.29 -16.40 -11.38
CA ILE A 13 -1.13 -16.12 -11.55
C ILE A 13 -1.95 -16.97 -10.59
N GLU A 14 -1.65 -18.27 -10.52
CA GLU A 14 -2.45 -19.18 -9.71
C GLU A 14 -2.47 -18.76 -8.24
N GLU A 15 -1.33 -18.27 -7.73
CA GLU A 15 -1.29 -17.78 -6.36
C GLU A 15 -2.17 -16.54 -6.18
N LEU A 16 -2.13 -15.61 -7.15
CA LEU A 16 -3.04 -14.47 -7.10
C LEU A 16 -4.49 -14.92 -7.12
N LYS A 17 -4.78 -16.01 -7.82
CA LYS A 17 -6.16 -16.45 -7.96
C LYS A 17 -6.70 -17.03 -6.65
N TRP A 18 -6.01 -18.04 -6.08
CA TRP A 18 -6.55 -18.66 -4.87
C TRP A 18 -6.55 -17.69 -3.69
N ARG A 19 -5.67 -16.69 -3.69
CA ARG A 19 -5.74 -15.63 -2.69
C ARG A 19 -6.92 -14.69 -2.91
N GLY A 20 -7.58 -14.77 -4.06
CA GLY A 20 -8.70 -13.91 -4.33
C GLY A 20 -8.33 -12.52 -4.82
N LEU A 21 -7.07 -12.31 -5.22
CA LEU A 21 -6.58 -11.02 -5.67
C LEU A 21 -6.70 -10.78 -7.18
N TRP A 22 -6.82 -11.83 -7.97
CA TRP A 22 -6.74 -11.69 -9.43
C TRP A 22 -8.06 -11.17 -9.97
N ALA A 23 -7.98 -10.16 -10.85
CA ALA A 23 -9.18 -9.61 -11.48
C ALA A 23 -9.26 -9.95 -12.96
N ASP A 24 -8.31 -9.48 -13.76
CA ASP A 24 -8.31 -9.73 -15.21
C ASP A 24 -6.89 -9.67 -15.74
N MET A 25 -6.73 -10.12 -16.98
CA MET A 25 -5.47 -10.02 -17.71
C MET A 25 -5.76 -10.18 -19.19
N THR A 26 -4.78 -9.74 -20.05
CA THR A 26 -5.07 -9.97 -21.46
C THR A 26 -4.37 -11.24 -21.96
N PRO A 27 -4.85 -11.84 -23.06
CA PRO A 27 -4.26 -13.10 -23.54
C PRO A 27 -2.74 -13.01 -23.70
N GLY A 28 -2.09 -14.17 -23.60
CA GLY A 28 -0.65 -14.24 -23.67
C GLY A 28 0.08 -13.74 -22.43
N THR A 29 -0.65 -13.26 -21.42
CA THR A 29 -0.01 -12.81 -20.19
C THR A 29 0.69 -13.98 -19.49
N GLU A 30 -0.02 -15.09 -19.34
CA GLU A 30 0.55 -16.28 -18.71
C GLU A 30 1.71 -16.85 -19.53
N ASP A 31 1.51 -17.01 -20.84
CA ASP A 31 2.59 -17.51 -21.69
C ASP A 31 3.83 -16.64 -21.60
N GLN A 32 3.65 -15.35 -21.33
CA GLN A 32 4.79 -14.46 -21.15
C GLN A 32 5.53 -14.77 -19.85
N LEU A 33 4.78 -14.94 -18.76
CA LEU A 33 5.39 -15.27 -17.48
C LEU A 33 5.97 -16.69 -17.45
N ASN A 34 5.48 -17.57 -18.32
CA ASN A 34 6.05 -18.92 -18.41
C ASN A 34 7.30 -18.94 -19.28
N LYS A 35 7.33 -18.13 -20.35
CA LYS A 35 8.39 -18.23 -21.34
C LYS A 35 9.70 -17.62 -20.86
N GLU A 36 9.65 -16.49 -20.16
CA GLU A 36 10.85 -15.74 -19.82
C GLU A 36 10.62 -14.98 -18.53
N MET A 37 11.72 -14.51 -17.94
CA MET A 37 11.63 -13.60 -16.81
C MET A 37 11.11 -12.25 -17.29
N THR A 38 10.08 -11.76 -16.62
CA THR A 38 9.34 -10.60 -17.08
C THR A 38 9.57 -9.43 -16.12
N THR A 39 9.83 -8.26 -16.70
CA THR A 39 9.86 -7.01 -15.97
C THR A 39 8.48 -6.39 -16.01
N ALA A 40 7.95 -6.05 -14.84
CA ALA A 40 6.64 -5.41 -14.74
C ALA A 40 6.71 -4.28 -13.74
N TYR A 41 5.84 -3.30 -13.92
CA TYR A 41 5.78 -2.17 -13.01
C TYR A 41 4.34 -1.93 -12.57
N ILE A 42 4.21 -1.25 -11.44
CA ILE A 42 2.96 -0.73 -10.93
C ILE A 42 3.22 0.71 -10.56
N GLY A 43 2.30 1.59 -10.92
CA GLY A 43 2.45 3.00 -10.65
C GLY A 43 1.92 3.38 -9.28
N PHE A 44 2.62 4.31 -8.64
CA PHE A 44 2.31 4.74 -7.30
C PHE A 44 2.08 6.24 -7.26
N ASP A 45 1.12 6.67 -6.44
CA ASP A 45 0.82 8.09 -6.29
C ASP A 45 2.00 8.84 -5.70
N PRO A 46 2.28 10.05 -6.17
CA PRO A 46 3.51 10.74 -5.76
C PRO A 46 3.31 11.86 -4.75
N THR A 47 2.25 11.81 -3.95
CA THR A 47 1.81 12.96 -3.18
C THR A 47 1.99 12.81 -1.68
N ALA A 48 2.74 11.82 -1.21
CA ALA A 48 3.05 11.70 0.21
C ALA A 48 4.40 11.03 0.36
N ASP A 49 5.11 11.34 1.45
CA ASP A 49 6.40 10.72 1.72
C ASP A 49 6.28 9.28 2.16
N SER A 50 5.09 8.83 2.55
CA SER A 50 4.88 7.47 3.04
C SER A 50 3.67 6.85 2.35
N LEU A 51 3.72 5.54 2.20
CA LEU A 51 2.57 4.79 1.73
C LEU A 51 1.67 4.46 2.91
N HIS A 52 0.54 3.81 2.63
CA HIS A 52 -0.39 3.45 3.67
C HIS A 52 -1.08 2.14 3.28
N ILE A 53 -1.88 1.61 4.22
CA ILE A 53 -2.57 0.35 4.01
C ILE A 53 -3.35 0.35 2.69
N GLY A 54 -3.79 1.53 2.25
CA GLY A 54 -4.48 1.62 0.98
C GLY A 54 -3.64 1.16 -0.20
N SER A 55 -2.32 1.19 -0.08
CA SER A 55 -1.43 0.83 -1.17
C SER A 55 -0.53 -0.35 -0.81
N LEU A 56 -0.88 -1.08 0.26
CA LEU A 56 -0.14 -2.29 0.60
C LEU A 56 -0.23 -3.32 -0.52
N ILE A 57 -1.43 -3.48 -1.10
CA ILE A 57 -1.63 -4.53 -2.09
C ILE A 57 -0.68 -4.39 -3.27
N PRO A 58 -0.50 -3.21 -3.89
CA PRO A 58 0.54 -3.09 -4.92
C PRO A 58 1.89 -3.59 -4.47
N ILE A 59 2.32 -3.22 -3.26
CA ILE A 59 3.58 -3.73 -2.73
C ILE A 59 3.53 -5.26 -2.67
N LYS A 60 2.44 -5.80 -2.12
CA LYS A 60 2.28 -7.24 -2.10
C LYS A 60 2.37 -7.82 -3.50
N ILE A 61 1.66 -7.22 -4.46
CA ILE A 61 1.66 -7.73 -5.84
C ILE A 61 3.08 -7.81 -6.40
N LEU A 62 3.91 -6.79 -6.11
CA LEU A 62 5.28 -6.84 -6.59
C LEU A 62 6.14 -7.79 -5.76
N ALA A 63 5.82 -7.95 -4.47
CA ALA A 63 6.54 -8.94 -3.65
C ALA A 63 6.29 -10.35 -4.18
N HIS A 64 5.03 -10.68 -4.49
CA HIS A 64 4.72 -11.97 -5.08
C HIS A 64 5.45 -12.15 -6.40
N PHE A 65 5.47 -11.11 -7.22
CA PHE A 65 6.12 -11.17 -8.52
C PHE A 65 7.60 -11.51 -8.37
N GLN A 66 8.29 -10.83 -7.44
CA GLN A 66 9.72 -11.03 -7.28
C GLN A 66 10.01 -12.42 -6.71
N ARG A 67 9.29 -12.80 -5.64
CA ARG A 67 9.45 -14.15 -5.10
C ARG A 67 9.20 -15.22 -6.15
N HIS A 68 8.37 -14.94 -7.15
CA HIS A 68 8.16 -15.87 -8.24
C HIS A 68 9.22 -15.77 -9.32
N GLY A 69 10.26 -14.96 -9.11
CA GLY A 69 11.40 -14.91 -9.99
C GLY A 69 11.40 -13.81 -11.03
N HIS A 70 10.40 -12.94 -11.04
CA HIS A 70 10.28 -11.89 -12.03
C HIS A 70 10.77 -10.55 -11.46
N LYS A 71 11.01 -9.58 -12.36
CA LYS A 71 11.63 -8.33 -11.96
C LYS A 71 10.58 -7.25 -11.72
N PRO A 72 10.43 -6.75 -10.49
CA PRO A 72 9.44 -5.71 -10.21
C PRO A 72 10.01 -4.32 -10.29
N ILE A 73 9.28 -3.43 -10.95
CA ILE A 73 9.61 -2.02 -10.97
C ILE A 73 8.48 -1.27 -10.31
N ALA A 74 8.82 -0.26 -9.52
CA ALA A 74 7.83 0.64 -8.95
C ALA A 74 8.00 2.00 -9.61
N LEU A 75 6.95 2.47 -10.29
CA LEU A 75 6.98 3.77 -10.96
C LEU A 75 6.25 4.77 -10.09
N VAL A 76 6.92 5.85 -9.75
CA VAL A 76 6.30 6.97 -9.05
C VAL A 76 5.77 7.94 -10.09
N GLY A 77 4.53 8.38 -9.91
CA GLY A 77 3.90 9.23 -10.90
C GLY A 77 4.29 10.69 -10.76
N GLY A 78 5.59 10.97 -10.76
CA GLY A 78 6.04 12.36 -10.61
C GLY A 78 5.43 13.28 -11.65
N ALA A 79 5.33 12.83 -12.90
CA ALA A 79 4.87 13.69 -13.98
C ALA A 79 3.46 14.23 -13.73
N THR A 80 2.54 13.39 -13.28
CA THR A 80 1.15 13.82 -13.07
C THR A 80 0.98 14.45 -11.70
N GLY A 81 1.71 13.96 -10.70
CA GLY A 81 1.76 14.67 -9.44
C GLY A 81 2.21 16.11 -9.62
N MET A 82 3.04 16.36 -10.63
CA MET A 82 3.42 17.72 -10.99
C MET A 82 2.24 18.56 -11.47
N ILE A 83 1.22 17.94 -12.06
CA ILE A 83 0.15 18.74 -12.64
C ILE A 83 -0.96 19.02 -11.60
N GLY A 84 -1.06 18.20 -10.57
CA GLY A 84 -1.92 18.53 -9.46
C GLY A 84 -3.36 18.27 -9.78
N ASP A 85 -4.21 19.30 -9.61
CA ASP A 85 -5.64 19.16 -9.81
C ASP A 85 -5.98 19.50 -11.25
N PRO A 86 -6.36 18.52 -12.08
CA PRO A 86 -6.81 18.82 -13.44
C PRO A 86 -8.22 19.39 -13.53
N SER A 87 -8.91 19.59 -12.41
CA SER A 87 -10.28 20.12 -12.41
C SER A 87 -10.30 21.62 -12.70
N LEU A 95 0.99 22.59 -5.17
CA LEU A 95 1.15 21.94 -3.87
C LEU A 95 2.33 20.95 -3.87
N LEU A 96 2.77 20.53 -5.06
CA LEU A 96 3.96 19.71 -5.21
C LEU A 96 4.94 20.42 -6.13
N ASP A 97 6.17 20.59 -5.67
CA ASP A 97 7.24 21.18 -6.46
C ASP A 97 8.34 20.15 -6.69
N GLU A 98 9.39 20.56 -7.42
CA GLU A 98 10.44 19.62 -7.77
C GLU A 98 11.23 19.17 -6.54
N GLU A 99 11.44 20.07 -5.59
CA GLU A 99 12.24 19.73 -4.41
C GLU A 99 11.62 18.58 -3.61
N THR A 100 10.34 18.69 -3.29
CA THR A 100 9.71 17.69 -2.45
C THR A 100 9.29 16.44 -3.22
N LEU A 101 9.17 16.51 -4.55
CA LEU A 101 9.04 15.27 -5.31
C LEU A 101 10.28 14.41 -5.13
N LEU A 102 11.46 15.02 -5.25
CA LEU A 102 12.71 14.32 -4.97
C LEU A 102 12.69 13.72 -3.57
N TYR A 103 12.18 14.47 -2.59
CA TYR A 103 12.15 13.97 -1.22
C TYR A 103 11.21 12.78 -1.08
N TYR A 104 10.03 12.85 -1.70
CA TYR A 104 9.11 11.72 -1.65
C TYR A 104 9.68 10.52 -2.37
N VAL A 105 10.20 10.72 -3.58
CA VAL A 105 10.81 9.62 -4.34
C VAL A 105 11.89 8.97 -3.49
N ASP A 106 12.74 9.77 -2.85
CA ASP A 106 13.75 9.22 -1.95
C ASP A 106 13.09 8.40 -0.84
N CYS A 107 12.08 8.97 -0.18
CA CYS A 107 11.45 8.30 0.96
C CYS A 107 10.73 7.03 0.54
N LEU A 108 10.13 7.02 -0.64
CA LEU A 108 9.47 5.81 -1.11
C LEU A 108 10.48 4.69 -1.39
N LYS A 109 11.68 5.03 -1.88
CA LYS A 109 12.68 4.00 -2.11
C LYS A 109 13.12 3.36 -0.80
N ASN A 110 13.24 4.16 0.26
CA ASN A 110 13.70 3.62 1.53
C ASN A 110 12.62 2.78 2.19
N GLN A 111 11.38 2.95 1.79
CA GLN A 111 10.25 2.20 2.33
C GLN A 111 9.97 0.92 1.54
N LEU A 112 10.07 0.99 0.21
CA LEU A 112 9.94 -0.21 -0.61
C LEU A 112 11.12 -1.14 -0.49
N SER A 113 12.29 -0.62 -0.10
CA SER A 113 13.49 -1.45 0.00
C SER A 113 13.34 -2.52 1.06
N ARG A 114 12.39 -2.36 1.98
CA ARG A 114 12.10 -3.39 2.99
C ARG A 114 11.34 -4.56 2.40
N PHE A 115 10.48 -4.31 1.40
CA PHE A 115 9.59 -5.33 0.88
C PHE A 115 10.09 -5.98 -0.40
N LEU A 116 11.06 -5.37 -1.06
CA LEU A 116 11.61 -5.90 -2.30
C LEU A 116 13.12 -5.89 -2.21
N ASP A 117 13.74 -6.76 -3.00
CA ASP A 117 15.20 -6.88 -3.03
C ASP A 117 15.71 -5.92 -4.10
N PHE A 118 16.22 -4.77 -3.68
CA PHE A 118 16.81 -3.80 -4.61
C PHE A 118 18.30 -4.08 -4.78
N GLU A 119 19.04 -4.09 -3.68
CA GLU A 119 20.43 -4.49 -3.68
C GLU A 119 20.56 -5.96 -4.07
N GLY A 120 21.79 -6.38 -4.31
CA GLY A 120 22.10 -7.77 -4.59
C GLY A 120 22.56 -7.98 -6.03
N ASP A 121 22.95 -9.23 -6.28
CA ASP A 121 23.44 -9.65 -7.59
C ASP A 121 22.46 -10.58 -8.30
N GLY A 122 21.17 -10.41 -8.02
CA GLY A 122 20.14 -11.20 -8.68
C GLY A 122 19.71 -10.55 -9.98
N PRO A 123 19.21 -11.35 -10.91
CA PRO A 123 18.73 -10.80 -12.20
C PRO A 123 17.33 -10.23 -12.16
N ASN A 124 16.68 -10.15 -11.00
CA ASN A 124 15.36 -9.54 -10.88
C ASN A 124 15.34 -8.54 -9.74
N ARG A 125 16.46 -7.83 -9.54
CA ARG A 125 16.51 -6.80 -8.51
C ARG A 125 15.44 -5.75 -8.78
N ALA A 126 14.71 -5.37 -7.73
CA ALA A 126 13.70 -4.34 -7.85
C ALA A 126 14.34 -2.99 -8.18
N GLU A 127 13.61 -2.18 -8.95
CA GLU A 127 14.04 -0.83 -9.31
C GLU A 127 12.90 0.14 -9.06
N LEU A 128 13.24 1.35 -8.59
CA LEU A 128 12.29 2.44 -8.49
C LEU A 128 12.57 3.45 -9.58
N VAL A 129 11.53 3.89 -10.28
CA VAL A 129 11.66 4.89 -11.34
C VAL A 129 10.64 5.99 -11.11
N ASN A 130 10.98 7.20 -11.54
CA ASN A 130 10.11 8.36 -11.46
C ASN A 130 9.87 8.86 -12.87
N ASN A 131 8.59 8.91 -13.31
CA ASN A 131 8.31 9.31 -14.68
C ASN A 131 8.66 10.77 -14.95
N TYR A 132 8.74 11.62 -13.92
CA TYR A 132 9.20 12.98 -14.13
C TYR A 132 10.63 13.04 -14.66
N ASP A 133 11.42 11.99 -14.43
CA ASP A 133 12.79 11.99 -14.94
C ASP A 133 12.84 11.95 -16.47
N TRP A 134 11.81 11.38 -17.11
CA TRP A 134 11.79 11.34 -18.56
C TRP A 134 10.67 12.18 -19.16
N MET A 135 9.95 12.95 -18.33
CA MET A 135 8.89 13.82 -18.83
C MET A 135 9.07 15.27 -18.41
N LYS A 136 10.18 15.61 -17.75
CA LYS A 136 10.41 17.00 -17.37
C LYS A 136 10.64 17.87 -18.59
N ASN A 137 11.39 17.36 -19.58
CA ASN A 137 11.86 18.16 -20.70
C ASN A 137 11.26 17.75 -22.04
N VAL A 138 10.19 16.94 -22.03
CA VAL A 138 9.53 16.61 -23.29
C VAL A 138 8.75 17.83 -23.77
N THR A 139 9.11 18.34 -24.95
CA THR A 139 8.38 19.45 -25.54
C THR A 139 7.04 18.98 -26.10
N PHE A 140 6.10 19.91 -26.21
CA PHE A 140 4.77 19.57 -26.68
C PHE A 140 4.78 19.11 -28.13
N LEU A 141 5.61 19.73 -28.96
CA LEU A 141 5.65 19.32 -30.37
C LEU A 141 6.33 17.97 -30.54
N ASP A 142 7.42 17.73 -29.81
CA ASP A 142 8.09 16.43 -29.90
C ASP A 142 7.21 15.32 -29.36
N PHE A 143 6.41 15.59 -28.34
CA PHE A 143 5.36 14.65 -27.96
C PHE A 143 4.31 14.53 -29.07
N ALA A 144 3.77 15.66 -29.51
CA ALA A 144 2.66 15.63 -30.46
C ALA A 144 3.02 14.89 -31.73
N LYS A 145 4.28 15.00 -32.16
CA LYS A 145 4.76 14.22 -33.30
C LYS A 145 4.90 12.74 -32.95
N ASN A 146 5.72 12.44 -31.94
CA ASN A 146 6.22 11.09 -31.72
C ASN A 146 5.32 10.24 -30.81
N ILE A 147 4.07 10.65 -30.58
CA ILE A 147 3.16 9.87 -29.74
C ILE A 147 1.72 10.09 -30.17
N GLY A 148 1.25 11.33 -30.08
CA GLY A 148 -0.15 11.65 -30.31
C GLY A 148 -0.69 11.21 -31.66
N LYS A 149 0.19 11.05 -32.66
CA LYS A 149 -0.20 10.59 -34.00
C LYS A 149 -0.78 9.19 -34.00
N HIS A 150 -0.67 8.45 -32.89
CA HIS A 150 -0.69 7.01 -32.97
C HIS A 150 -1.88 6.35 -32.30
N ILE A 151 -2.82 7.11 -31.73
CA ILE A 151 -4.10 6.52 -31.38
C ILE A 151 -5.19 7.58 -31.42
N THR A 152 -6.41 7.13 -31.69
CA THR A 152 -7.55 7.97 -32.00
C THR A 152 -8.16 8.54 -30.73
N VAL A 153 -8.81 9.70 -30.86
CA VAL A 153 -9.62 10.22 -29.78
C VAL A 153 -10.84 9.33 -29.52
N ASN A 154 -11.47 8.85 -30.61
CA ASN A 154 -12.54 7.87 -30.48
C ASN A 154 -12.11 6.69 -29.62
N TYR A 155 -10.88 6.21 -29.81
CA TYR A 155 -10.38 5.11 -29.00
C TYR A 155 -10.26 5.52 -27.54
N MET A 156 -9.78 6.75 -27.27
CA MET A 156 -9.52 7.16 -25.91
C MET A 156 -10.80 7.44 -25.14
N MET A 157 -11.88 7.82 -25.83
CA MET A 157 -13.15 8.03 -25.15
C MET A 157 -13.89 6.72 -24.90
N ALA A 158 -13.44 5.62 -25.49
CA ALA A 158 -14.02 4.31 -25.25
C ALA A 158 -13.58 3.69 -23.93
N LYS A 159 -12.71 4.38 -23.18
CA LYS A 159 -12.31 3.89 -21.87
C LYS A 159 -13.32 4.31 -20.81
N ASP A 160 -13.50 3.45 -19.80
CA ASP A 160 -14.42 3.72 -18.70
C ASP A 160 -13.85 4.67 -17.65
N SER A 161 -12.70 5.29 -17.92
CA SER A 161 -12.10 6.25 -16.99
C SER A 161 -12.53 7.68 -17.34
N GLY A 171 -23.62 17.48 -19.77
CA GLY A 171 -24.02 18.76 -19.24
C GLY A 171 -23.01 19.87 -19.48
N ALA A 172 -23.19 21.01 -18.80
CA ALA A 172 -22.28 22.13 -18.97
C ALA A 172 -20.89 21.85 -18.42
N ASP A 173 -20.76 20.91 -17.49
CA ASP A 173 -19.49 20.52 -16.92
C ASP A 173 -19.11 19.14 -17.44
N GLY A 174 -17.82 18.86 -17.43
CA GLY A 174 -17.34 17.57 -17.88
C GLY A 174 -15.87 17.39 -17.64
N MET A 175 -15.27 16.53 -18.45
CA MET A 175 -13.87 16.15 -18.31
C MET A 175 -12.97 17.21 -18.93
N SER A 176 -12.06 17.76 -18.13
CA SER A 176 -11.12 18.73 -18.66
C SER A 176 -10.15 18.07 -19.63
N PHE A 177 -9.52 18.91 -20.46
CA PHE A 177 -8.79 18.41 -21.62
C PHE A 177 -7.66 17.49 -21.22
N THR A 178 -7.05 17.82 -20.06
CA THR A 178 -5.75 17.36 -19.55
C THR A 178 -5.93 16.26 -18.57
N GLU A 179 -7.05 16.31 -17.82
CA GLU A 179 -7.60 15.09 -17.27
C GLU A 179 -7.71 14.01 -18.34
N PHE A 180 -8.17 14.39 -19.53
CA PHE A 180 -8.32 13.47 -20.65
C PHE A 180 -6.98 12.91 -21.11
N THR A 181 -5.89 13.66 -20.97
CA THR A 181 -4.61 13.18 -21.46
C THR A 181 -3.83 12.37 -20.42
N TYR A 182 -4.31 12.27 -19.19
CA TYR A 182 -3.61 11.45 -18.21
C TYR A 182 -3.44 10.01 -18.72
N GLN A 183 -4.50 9.45 -19.30
CA GLN A 183 -4.41 8.09 -19.83
C GLN A 183 -3.37 7.99 -20.93
N LEU A 184 -3.20 9.06 -21.71
CA LEU A 184 -2.08 9.12 -22.65
C LEU A 184 -0.77 9.32 -21.91
N LEU A 185 -0.79 10.15 -20.87
CA LEU A 185 0.40 10.34 -20.04
C LEU A 185 0.81 9.02 -19.38
N GLN A 186 -0.16 8.25 -18.87
CA GLN A 186 0.16 6.97 -18.27
C GLN A 186 0.54 5.95 -19.35
N GLY A 187 -0.13 5.99 -20.50
CA GLY A 187 0.24 5.09 -21.58
C GLY A 187 1.67 5.28 -22.04
N TYR A 188 2.16 6.53 -22.01
CA TYR A 188 3.53 6.79 -22.43
C TYR A 188 4.55 6.28 -21.42
N ASP A 189 4.22 6.37 -20.13
CA ASP A 189 5.02 5.71 -19.11
C ASP A 189 5.29 4.26 -19.47
N TYR A 190 4.26 3.54 -19.92
CA TYR A 190 4.44 2.16 -20.35
C TYR A 190 5.36 2.07 -21.57
N LEU A 191 5.07 2.89 -22.60
CA LEU A 191 5.89 2.85 -23.82
C LEU A 191 7.35 3.12 -23.53
N HIS A 192 7.65 4.03 -22.60
CA HIS A 192 9.04 4.35 -22.29
C HIS A 192 9.73 3.18 -21.63
N LEU A 193 9.10 2.61 -20.59
CA LEU A 193 9.68 1.46 -19.89
C LEU A 193 9.76 0.24 -20.80
N TYR A 194 8.87 0.15 -21.78
CA TYR A 194 8.95 -0.96 -22.72
C TYR A 194 10.21 -0.86 -23.57
N LYS A 195 10.60 0.36 -23.93
CA LYS A 195 11.77 0.59 -24.78
C LYS A 195 13.06 0.66 -23.98
N GLU A 196 13.05 1.32 -22.83
CA GLU A 196 14.26 1.60 -22.08
C GLU A 196 14.54 0.62 -20.95
N LYS A 197 13.53 -0.16 -20.52
CA LYS A 197 13.72 -1.13 -19.45
C LYS A 197 13.17 -2.51 -19.79
N GLY A 198 12.67 -2.73 -20.99
CA GLY A 198 12.16 -4.03 -21.38
C GLY A 198 10.96 -4.50 -20.59
N VAL A 199 10.07 -3.56 -20.23
CA VAL A 199 8.87 -3.87 -19.45
C VAL A 199 7.80 -4.41 -20.40
N LYS A 200 7.31 -5.62 -20.12
CA LYS A 200 6.29 -6.26 -20.95
C LYS A 200 5.04 -6.61 -20.15
N LEU A 201 4.89 -6.03 -18.95
CA LEU A 201 3.68 -6.22 -18.16
C LEU A 201 3.52 -5.02 -17.25
N GLN A 202 2.28 -4.59 -17.05
CA GLN A 202 1.95 -3.54 -16.08
C GLN A 202 0.73 -3.97 -15.28
N MET A 203 0.76 -3.70 -13.98
CA MET A 203 -0.30 -4.15 -13.10
C MET A 203 -0.88 -2.99 -12.33
N GLY A 204 -2.10 -3.17 -11.86
CA GLY A 204 -2.77 -2.19 -11.02
C GLY A 204 -4.14 -2.69 -10.66
N GLY A 205 -4.86 -1.88 -9.89
CA GLY A 205 -6.24 -2.18 -9.58
C GLY A 205 -7.09 -2.33 -10.83
N SER A 206 -8.29 -2.86 -10.65
CA SER A 206 -9.17 -3.08 -11.79
C SER A 206 -9.61 -1.78 -12.44
N ASP A 207 -9.57 -0.68 -11.67
CA ASP A 207 -9.91 0.64 -12.19
C ASP A 207 -8.91 1.13 -13.23
N GLN A 208 -7.66 0.69 -13.14
CA GLN A 208 -6.60 1.15 -14.04
C GLN A 208 -6.46 0.27 -15.28
N TRP A 209 -7.37 -0.69 -15.48
CA TRP A 209 -7.33 -1.50 -16.69
C TRP A 209 -7.40 -0.65 -17.95
N GLY A 210 -8.08 0.50 -17.87
CA GLY A 210 -8.10 1.40 -19.01
C GLY A 210 -6.74 2.02 -19.27
N ASN A 211 -6.14 2.62 -18.24
CA ASN A 211 -4.86 3.28 -18.41
C ASN A 211 -3.77 2.31 -18.88
N ILE A 212 -3.85 1.06 -18.45
CA ILE A 212 -2.82 0.08 -18.81
C ILE A 212 -3.05 -0.43 -20.24
N THR A 213 -4.30 -0.63 -20.62
CA THR A 213 -4.59 -1.07 -21.98
C THR A 213 -4.33 0.01 -23.01
N THR A 214 -4.30 1.27 -22.57
CA THR A 214 -3.84 2.34 -23.46
C THR A 214 -2.35 2.22 -23.73
N GLY A 215 -1.58 1.74 -22.74
CA GLY A 215 -0.16 1.55 -22.95
C GLY A 215 0.13 0.47 -23.99
N THR A 216 -0.61 -0.64 -23.91
CA THR A 216 -0.38 -1.74 -24.84
C THR A 216 -0.66 -1.32 -26.28
N GLU A 217 -1.74 -0.56 -26.49
CA GLU A 217 -2.04 -0.05 -27.84
C GLU A 217 -0.94 0.87 -28.34
N LEU A 218 -0.47 1.79 -27.49
CA LEU A 218 0.61 2.67 -27.92
C LEU A 218 1.87 1.87 -28.18
N ILE A 219 2.16 0.86 -27.36
CA ILE A 219 3.30 -0.01 -27.64
C ILE A 219 3.06 -0.83 -28.90
N ARG A 220 1.80 -1.05 -29.28
CA ARG A 220 1.50 -1.86 -30.45
C ARG A 220 1.57 -1.08 -31.77
N ARG A 221 1.43 0.25 -31.71
CA ARG A 221 1.37 1.04 -32.93
C ARG A 221 2.62 1.86 -33.20
N LYS A 222 3.22 2.46 -32.17
CA LYS A 222 4.48 3.17 -32.35
C LYS A 222 5.65 2.18 -32.45
N ALA A 223 5.73 1.23 -31.53
CA ALA A 223 6.69 0.14 -31.59
C ALA A 223 6.02 -1.13 -32.10
N GLN A 224 6.82 -2.02 -32.64
CA GLN A 224 6.30 -3.26 -33.21
C GLN A 224 6.50 -4.43 -32.24
N GLY A 225 5.87 -4.30 -31.07
CA GLY A 225 6.02 -5.29 -30.02
C GLY A 225 4.75 -5.45 -29.21
N GLU A 226 4.74 -6.49 -28.38
CA GLU A 226 3.57 -6.85 -27.59
C GLU A 226 3.87 -6.68 -26.11
N ALA A 227 3.05 -5.89 -25.43
CA ALA A 227 3.01 -5.77 -23.99
C ALA A 227 1.73 -6.42 -23.47
N PHE A 228 1.64 -6.56 -22.15
CA PHE A 228 0.52 -7.25 -21.54
C PHE A 228 0.03 -6.47 -20.33
N ALA A 229 -1.18 -6.82 -19.88
CA ALA A 229 -1.82 -6.17 -18.75
C ALA A 229 -2.35 -7.20 -17.77
N LEU A 230 -2.41 -6.80 -16.50
CA LEU A 230 -2.97 -7.63 -15.44
C LEU A 230 -3.49 -6.69 -14.37
N THR A 231 -4.73 -6.91 -13.92
CA THR A 231 -5.27 -6.10 -12.85
C THR A 231 -5.63 -6.97 -11.66
N THR A 232 -5.68 -6.32 -10.51
CA THR A 232 -6.01 -6.96 -9.24
C THR A 232 -7.33 -6.38 -8.72
N LYS A 233 -8.03 -7.18 -7.93
CA LYS A 233 -9.32 -6.75 -7.40
C LYS A 233 -9.12 -5.67 -6.35
N LEU A 234 -9.85 -4.56 -6.51
CA LEU A 234 -9.76 -3.48 -5.54
C LEU A 234 -10.34 -3.95 -4.21
N ILE A 235 -9.57 -3.79 -3.14
CA ILE A 235 -9.89 -4.40 -1.87
C ILE A 235 -11.02 -3.62 -1.21
N THR A 236 -12.04 -4.33 -0.74
CA THR A 236 -13.19 -3.73 -0.10
C THR A 236 -13.45 -4.41 1.23
N LYS A 237 -13.96 -3.65 2.18
CA LYS A 237 -14.54 -4.26 3.38
C LYS A 237 -15.82 -4.96 2.95
N ALA A 238 -15.90 -6.27 3.20
CA ALA A 238 -17.08 -7.03 2.79
C ALA A 238 -18.36 -6.40 3.29
N ASP A 239 -18.30 -5.72 4.44
CA ASP A 239 -19.48 -5.08 5.00
C ASP A 239 -19.79 -3.75 4.33
N GLY A 240 -18.76 -2.92 4.14
CA GLY A 240 -19.00 -1.55 3.70
C GLY A 240 -18.58 -1.21 2.28
N SER A 241 -17.59 -1.93 1.76
CA SER A 241 -17.06 -1.74 0.40
C SER A 241 -16.29 -0.42 0.27
N LYS A 242 -15.30 -0.23 1.16
CA LYS A 242 -14.40 0.92 1.17
C LYS A 242 -13.42 0.77 2.33
N PHE A 243 -12.19 0.33 2.04
CA PHE A 243 -11.33 -0.24 3.07
C PHE A 243 -9.94 0.40 3.08
N GLY A 244 -9.50 0.82 4.27
CA GLY A 244 -8.13 1.21 4.44
C GLY A 244 -7.86 2.28 5.49
N LYS A 245 -8.91 2.87 6.06
CA LYS A 245 -8.76 4.09 6.82
C LYS A 245 -9.40 3.95 8.19
N SER A 246 -9.10 4.91 9.06
CA SER A 246 -9.54 4.89 10.45
C SER A 246 -11.03 5.20 10.55
N GLU A 247 -11.51 5.26 11.79
CA GLU A 247 -12.85 5.83 12.02
C GLU A 247 -12.85 7.33 11.77
N SER A 248 -11.74 7.99 12.04
CA SER A 248 -11.54 9.41 11.75
C SER A 248 -11.49 9.70 10.25
N GLY A 249 -11.51 8.70 9.39
CA GLY A 249 -11.09 8.90 8.02
C GLY A 249 -9.59 9.03 7.83
N GLU A 250 -8.79 8.79 8.88
CA GLU A 250 -7.35 8.93 8.77
C GLU A 250 -6.77 7.70 8.08
N ASN A 251 -5.63 7.90 7.43
CA ASN A 251 -4.90 6.80 6.85
C ASN A 251 -4.06 6.09 7.91
N TYR A 252 -3.73 4.83 7.63
CA TYR A 252 -2.78 4.07 8.45
C TYR A 252 -1.47 4.01 7.68
N TRP A 253 -0.55 4.92 8.00
CA TRP A 253 0.69 5.04 7.26
C TRP A 253 1.63 3.89 7.59
N LEU A 254 2.38 3.45 6.57
CA LEU A 254 3.41 2.45 6.79
C LEU A 254 4.56 2.98 7.62
N ASP A 255 4.68 4.31 7.73
CA ASP A 255 5.75 4.94 8.50
C ASP A 255 5.39 4.92 9.98
N ALA A 256 6.26 4.31 10.80
CA ALA A 256 5.99 4.16 12.22
C ALA A 256 5.88 5.51 12.92
N LYS A 257 6.54 6.54 12.40
CA LYS A 257 6.47 7.85 13.01
C LYS A 257 5.16 8.57 12.71
N ARG A 258 4.45 8.16 11.65
CA ARG A 258 3.15 8.72 11.34
C ARG A 258 2.02 7.89 11.95
N THR A 259 2.20 6.57 11.99
CA THR A 259 1.23 5.65 12.59
C THR A 259 2.01 4.62 13.38
N SER A 260 1.90 4.67 14.70
CA SER A 260 2.69 3.78 15.55
C SER A 260 2.33 2.33 15.26
N PRO A 261 3.30 1.41 15.26
CA PRO A 261 2.98 0.00 15.02
C PRO A 261 1.92 -0.57 15.96
N TYR A 262 1.78 0.01 17.15
CA TYR A 262 0.68 -0.39 18.03
C TYR A 262 -0.68 -0.15 17.37
N ARG A 263 -0.91 1.09 16.88
CA ARG A 263 -2.15 1.39 16.17
C ARG A 263 -2.27 0.58 14.89
N PHE A 264 -1.15 0.35 14.21
CA PHE A 264 -1.16 -0.52 13.04
C PHE A 264 -1.58 -1.94 13.41
N TYR A 265 -1.07 -2.46 14.53
CA TYR A 265 -1.39 -3.81 14.96
C TYR A 265 -2.86 -3.91 15.40
N GLN A 266 -3.31 -2.95 16.21
CA GLN A 266 -4.69 -2.95 16.67
C GLN A 266 -5.68 -2.99 15.51
N PHE A 267 -5.35 -2.32 14.39
CA PHE A 267 -6.27 -2.24 13.27
C PHE A 267 -6.55 -3.61 12.68
N TRP A 268 -5.49 -4.39 12.42
CA TRP A 268 -5.71 -5.75 11.91
C TRP A 268 -6.36 -6.63 12.96
N LEU A 269 -5.98 -6.45 14.24
CA LEU A 269 -6.57 -7.24 15.32
C LEU A 269 -8.08 -7.08 15.39
N ASN A 270 -8.57 -5.88 15.12
CA ASN A 270 -9.99 -5.60 15.27
C ASN A 270 -10.78 -5.81 13.99
N ALA A 271 -10.19 -6.45 12.98
CA ALA A 271 -10.95 -6.89 11.83
C ALA A 271 -12.03 -7.87 12.25
N THR A 272 -13.18 -7.81 11.58
CA THR A 272 -14.23 -8.78 11.86
C THR A 272 -13.80 -10.17 11.37
N ASP A 273 -14.65 -11.16 11.65
CA ASP A 273 -14.33 -12.54 11.25
C ASP A 273 -14.38 -12.68 9.72
N GLU A 274 -15.44 -12.16 9.10
CA GLU A 274 -15.60 -12.27 7.65
C GLU A 274 -14.45 -11.59 6.91
N ASP A 275 -14.01 -10.42 7.39
CA ASP A 275 -12.85 -9.79 6.77
C ASP A 275 -11.56 -10.52 7.11
N GLY A 276 -11.50 -11.20 8.25
CA GLY A 276 -10.31 -11.94 8.61
C GLY A 276 -10.01 -13.07 7.63
N GLU A 277 -11.06 -13.80 7.22
CA GLU A 277 -10.85 -14.86 6.24
C GLU A 277 -10.32 -14.31 4.92
N ARG A 278 -10.76 -13.12 4.52
CA ARG A 278 -10.30 -12.54 3.26
C ARG A 278 -8.89 -11.97 3.41
N PHE A 279 -8.67 -11.14 4.42
CA PHE A 279 -7.42 -10.41 4.54
C PHE A 279 -6.24 -11.33 4.78
N ILE A 280 -6.44 -12.47 5.46
CA ILE A 280 -5.34 -13.40 5.67
C ILE A 280 -4.84 -13.96 4.34
N LYS A 281 -5.72 -14.06 3.34
CA LYS A 281 -5.27 -14.40 2.00
C LYS A 281 -4.69 -13.18 1.29
N PHE A 282 -5.31 -12.01 1.48
CA PHE A 282 -4.85 -10.79 0.81
C PHE A 282 -3.47 -10.36 1.29
N TYR A 283 -3.32 -10.15 2.60
CA TYR A 283 -2.20 -9.40 3.17
C TYR A 283 -1.16 -10.30 3.82
N THR A 284 -0.96 -11.52 3.31
CA THR A 284 -0.12 -12.47 4.01
C THR A 284 0.45 -13.44 3.00
N PHE A 285 1.60 -14.04 3.32
CA PHE A 285 2.24 -14.98 2.42
C PHE A 285 2.06 -16.44 2.83
N LEU A 286 1.18 -16.71 3.80
CA LEU A 286 1.00 -18.07 4.31
C LEU A 286 0.51 -19.02 3.22
N GLU A 287 1.05 -20.22 3.22
CA GLU A 287 0.63 -21.29 2.32
C GLU A 287 -0.89 -21.45 2.35
N LYS A 288 -1.46 -21.85 1.21
CA LYS A 288 -2.89 -22.14 1.18
C LYS A 288 -3.27 -23.17 2.23
N GLU A 289 -2.41 -24.19 2.41
CA GLU A 289 -2.71 -25.28 3.32
C GLU A 289 -2.75 -24.82 4.77
N GLU A 290 -1.93 -23.84 5.14
CA GLU A 290 -1.99 -23.36 6.51
C GLU A 290 -3.18 -22.43 6.74
N ILE A 291 -3.51 -21.59 5.75
CA ILE A 291 -4.62 -20.64 5.90
C ILE A 291 -5.95 -21.39 6.08
N ASP A 292 -6.18 -22.43 5.28
CA ASP A 292 -7.45 -23.15 5.36
C ASP A 292 -7.70 -23.70 6.77
N LYS A 293 -6.65 -24.24 7.41
CA LYS A 293 -6.82 -24.79 8.74
C LYS A 293 -6.92 -23.69 9.80
N LEU A 294 -6.18 -22.61 9.64
CA LEU A 294 -6.34 -21.48 10.55
C LEU A 294 -7.77 -20.96 10.54
N ILE A 295 -8.43 -20.98 9.37
CA ILE A 295 -9.84 -20.58 9.29
C ILE A 295 -10.74 -21.68 9.83
N GLU A 296 -10.45 -22.94 9.51
CA GLU A 296 -11.18 -24.05 10.11
C GLU A 296 -11.12 -23.98 11.63
N GLU A 297 -9.91 -23.78 12.16
CA GLU A 297 -9.74 -23.72 13.62
C GLU A 297 -10.45 -22.50 14.20
N HIS A 298 -10.34 -21.36 13.51
CA HIS A 298 -10.92 -20.13 14.01
C HIS A 298 -12.45 -20.20 14.04
N ARG A 299 -13.07 -20.77 13.01
CA ARG A 299 -14.52 -20.87 13.01
C ARG A 299 -15.01 -21.70 14.18
N THR A 300 -14.26 -22.75 14.55
CA THR A 300 -14.61 -23.63 15.65
C THR A 300 -14.53 -22.93 17.00
N ALA A 301 -13.56 -22.01 17.15
CA ALA A 301 -13.42 -21.17 18.35
C ALA A 301 -13.20 -19.72 17.94
N PRO A 302 -14.25 -19.05 17.44
CA PRO A 302 -14.05 -17.66 16.98
C PRO A 302 -13.70 -16.69 18.08
N HIS A 303 -14.06 -16.97 19.33
CA HIS A 303 -13.82 -16.05 20.43
C HIS A 303 -12.34 -15.95 20.81
N GLU A 304 -11.51 -16.91 20.36
CA GLU A 304 -10.09 -16.86 20.66
C GLU A 304 -9.32 -15.93 19.72
N ARG A 305 -9.95 -15.48 18.63
CA ARG A 305 -9.37 -14.52 17.70
C ARG A 305 -8.02 -15.01 17.17
N LYS A 306 -7.92 -16.32 16.90
CA LYS A 306 -6.69 -16.83 16.32
C LYS A 306 -6.47 -16.27 14.92
N LEU A 307 -7.54 -16.03 14.18
CA LEU A 307 -7.43 -15.51 12.82
C LEU A 307 -6.95 -14.07 12.82
N GLN A 308 -7.56 -13.23 13.66
CA GLN A 308 -7.16 -11.82 13.72
C GLN A 308 -5.74 -11.67 14.27
N LYS A 309 -5.38 -12.44 15.29
CA LYS A 309 -4.04 -12.34 15.88
C LYS A 309 -2.97 -12.74 14.88
N LYS A 310 -3.17 -13.84 14.17
CA LYS A 310 -2.21 -14.25 13.16
C LYS A 310 -2.16 -13.24 12.03
N LEU A 311 -3.33 -12.74 11.60
CA LEU A 311 -3.37 -11.67 10.61
C LEU A 311 -2.61 -10.44 11.08
N ALA A 312 -2.92 -9.97 12.29
CA ALA A 312 -2.25 -8.79 12.83
C ALA A 312 -0.75 -9.04 13.03
N GLU A 313 -0.39 -10.26 13.44
CA GLU A 313 1.02 -10.57 13.65
C GLU A 313 1.80 -10.52 12.33
N GLU A 314 1.31 -11.25 11.33
CA GLU A 314 2.13 -11.45 10.13
C GLU A 314 2.23 -10.18 9.29
N VAL A 315 1.24 -9.29 9.37
CA VAL A 315 1.31 -8.02 8.63
C VAL A 315 2.20 -7.03 9.37
N THR A 316 1.94 -6.81 10.67
CA THR A 316 2.79 -5.93 11.46
C THR A 316 4.25 -6.34 11.36
N VAL A 317 4.52 -7.66 11.36
CA VAL A 317 5.90 -8.10 11.23
C VAL A 317 6.44 -7.75 9.85
N TRP A 318 5.59 -7.88 8.82
CA TRP A 318 6.03 -7.57 7.46
C TRP A 318 6.41 -6.11 7.30
N VAL A 319 5.69 -5.24 8.00
CA VAL A 319 5.86 -3.80 7.80
C VAL A 319 6.88 -3.23 8.78
N HIS A 320 6.76 -3.57 10.05
CA HIS A 320 7.58 -2.96 11.10
C HIS A 320 8.66 -3.87 11.66
N GLY A 321 8.65 -5.15 11.35
CA GLY A 321 9.68 -6.03 11.86
C GLY A 321 9.28 -6.73 13.15
N ARG A 322 9.96 -7.85 13.41
CA ARG A 322 9.54 -8.74 14.50
C ARG A 322 9.64 -8.05 15.87
N ALA A 323 10.68 -7.24 16.08
CA ALA A 323 10.82 -6.53 17.36
C ALA A 323 9.64 -5.58 17.60
N GLU A 324 9.28 -4.77 16.59
CA GLU A 324 8.19 -3.83 16.77
C GLU A 324 6.84 -4.53 16.97
N TYR A 325 6.64 -5.67 16.30
CA TYR A 325 5.47 -6.49 16.61
C TYR A 325 5.43 -6.87 18.08
N LYS A 326 6.52 -7.50 18.58
CA LYS A 326 6.57 -7.91 19.99
C LYS A 326 6.28 -6.73 20.92
N ARG A 327 6.76 -5.53 20.58
CA ARG A 327 6.44 -4.37 21.40
C ARG A 327 4.96 -4.02 21.31
N ALA A 328 4.36 -4.18 20.12
CA ALA A 328 2.94 -3.86 19.98
C ALA A 328 2.08 -4.95 20.57
N LEU A 329 2.56 -6.19 20.53
CA LEU A 329 1.91 -7.28 21.24
C LEU A 329 1.81 -6.96 22.72
N LYS A 330 2.94 -6.58 23.33
CA LYS A 330 2.95 -6.22 24.75
C LYS A 330 1.98 -5.08 25.04
N ALA A 331 2.00 -4.04 24.22
CA ALA A 331 1.15 -2.88 24.46
C ALA A 331 -0.33 -3.25 24.41
N SER A 332 -0.70 -4.23 23.59
CA SER A 332 -2.11 -4.61 23.46
C SER A 332 -2.62 -5.34 24.70
N GLU A 333 -1.75 -6.08 25.39
CA GLU A 333 -2.15 -6.76 26.60
C GLU A 333 -2.13 -5.83 27.81
N ILE A 334 -1.42 -4.72 27.73
CA ILE A 334 -1.44 -3.74 28.81
C ILE A 334 -2.81 -3.08 28.90
N LEU A 335 -3.46 -2.90 27.75
CA LEU A 335 -4.81 -2.33 27.72
C LEU A 335 -5.86 -3.44 27.75
N PHE A 336 -5.89 -4.27 26.70
CA PHE A 336 -6.95 -5.25 26.48
C PHE A 336 -6.64 -6.62 27.06
N GLY A 337 -5.79 -6.69 28.09
CA GLY A 337 -5.48 -7.96 28.71
C GLY A 337 -5.24 -7.85 30.21
N ARG A 338 -4.01 -8.12 30.64
CA ARG A 338 -3.65 -8.01 32.05
C ARG A 338 -2.52 -7.00 32.25
N LEU A 344 1.65 -5.73 34.28
CA LEU A 344 3.11 -5.84 34.23
C LEU A 344 3.76 -4.78 35.14
N VAL A 345 3.07 -3.66 35.30
CA VAL A 345 3.39 -2.65 36.31
C VAL A 345 4.82 -2.12 36.19
N SER A 346 5.29 -1.92 34.96
CA SER A 346 6.49 -1.13 34.72
C SER A 346 6.45 -0.66 33.27
N LEU A 347 6.26 0.64 33.09
CA LEU A 347 5.83 1.21 31.81
C LEU A 347 6.84 2.26 31.33
N ASP A 348 6.93 2.41 30.00
CA ASP A 348 8.02 3.15 29.38
C ASP A 348 7.45 4.26 28.50
N GLU A 349 7.95 5.49 28.73
CA GLU A 349 7.23 6.71 28.34
C GLU A 349 6.98 6.79 26.83
N GLU A 350 7.82 6.14 26.02
CA GLU A 350 7.77 6.35 24.58
C GLU A 350 6.40 6.01 23.98
N LEU A 351 5.68 5.05 24.56
CA LEU A 351 4.46 4.51 23.96
C LEU A 351 3.19 5.05 24.62
N PHE A 352 3.01 4.75 25.91
CA PHE A 352 1.92 5.25 26.74
C PHE A 352 1.52 6.66 26.31
N LEU A 353 2.50 7.56 26.32
CA LEU A 353 2.31 8.93 25.87
C LEU A 353 1.95 8.94 24.39
N UNK A 440 0.60 6.67 22.32
CA UNK A 440 -0.44 6.30 21.36
C UNK A 440 -1.32 5.18 21.92
N UNK A 441 -1.62 5.23 23.21
CA UNK A 441 -2.38 4.16 23.85
C UNK A 441 -3.64 4.67 24.54
N UNK A 442 -3.57 4.89 25.85
CA UNK A 442 -4.73 5.27 26.67
C UNK A 442 -5.37 6.58 26.21
N UNK A 443 -6.59 6.83 26.68
CA UNK A 443 -7.34 8.02 26.28
C UNK A 443 -8.35 8.47 27.35
N UNK A 444 -8.02 8.24 28.61
CA UNK A 444 -8.89 8.63 29.71
C UNK A 444 -8.54 10.03 30.23
N UNK A 445 -8.74 10.25 31.53
CA UNK A 445 -8.58 11.58 32.13
C UNK A 445 -7.14 11.91 32.49
N UNK A 446 -6.64 13.03 31.97
CA UNK A 446 -5.27 13.48 32.25
C UNK A 446 -5.26 14.83 32.98
N UNK A 447 -4.08 15.28 33.38
CA UNK A 447 -3.91 16.55 34.07
C UNK A 447 -2.42 16.93 34.16
N UNK A 448 -2.13 18.19 34.43
CA UNK A 448 -0.75 18.64 34.55
C UNK A 448 -0.47 19.19 35.95
N UNK A 449 -0.42 18.31 36.95
CA UNK A 449 -0.12 18.73 38.31
C UNK A 449 1.36 19.09 38.45
N UNK A 450 1.72 19.65 39.59
CA UNK A 450 3.12 19.93 39.90
C UNK A 450 3.69 18.79 40.72
N UNK A 451 4.93 18.41 40.42
CA UNK A 451 5.60 17.35 41.16
C UNK A 451 5.76 17.71 42.64
N UNK A 452 5.80 19.00 42.94
CA UNK A 452 5.86 19.47 44.33
C UNK A 452 4.71 18.89 45.16
N UNK A 453 3.49 19.03 44.66
CA UNK A 453 2.32 18.54 45.36
C UNK A 453 1.90 17.19 44.80
N UNK A 454 2.88 16.34 44.51
CA UNK A 454 2.62 15.01 43.96
C UNK A 454 2.52 13.94 45.04
N UNK A 455 3.21 14.16 46.17
CA UNK A 455 3.24 13.17 47.24
C UNK A 455 1.98 13.20 48.10
N UNK A 456 1.09 14.16 47.82
CA UNK A 456 -0.16 14.27 48.55
C UNK A 456 -1.23 13.36 47.93
N UNK A 457 -2.17 12.91 48.74
CA UNK A 457 -3.25 12.05 48.26
C UNK A 457 -4.03 12.75 47.15
N UNK A 458 -3.68 12.42 45.91
CA UNK A 458 -4.25 13.07 44.73
C UNK A 458 -5.64 12.52 44.39
N UNK A 459 -6.02 11.43 45.04
CA UNK A 459 -7.36 10.89 44.90
C UNK A 459 -8.36 11.89 45.48
N UNK A 460 -7.91 12.63 46.48
CA UNK A 460 -8.74 13.62 47.16
C UNK A 460 -8.87 14.90 46.33
N UNK A 461 -7.80 15.71 46.33
CA UNK A 461 -7.88 17.06 45.78
C UNK A 461 -7.51 17.17 44.30
N UNK A 462 -7.00 16.09 43.71
CA UNK A 462 -6.53 16.16 42.33
C UNK A 462 -7.36 15.32 41.35
N UNK A 463 -8.38 14.62 41.86
CA UNK A 463 -9.26 13.82 41.01
C UNK A 463 -10.11 14.71 40.11
N UNK A 464 -10.12 16.01 40.39
CA UNK A 464 -10.87 16.97 39.59
C UNK A 464 -10.13 17.26 38.29
N UNK A 465 -12.32 3.92 35.15
CA UNK A 465 -11.84 3.59 36.48
C UNK A 465 -10.38 3.99 36.64
N UNK A 466 -9.76 4.42 35.54
CA UNK A 466 -8.36 4.82 35.56
C UNK A 466 -8.21 6.26 35.05
N UNK A 467 -7.41 7.05 35.76
CA UNK A 467 -7.08 8.41 35.33
C UNK A 467 -5.58 8.54 35.11
N UNK A 468 -5.15 9.74 34.69
CA UNK A 468 -3.73 9.98 34.39
C UNK A 468 -3.32 11.39 34.83
N UNK A 469 -2.02 11.59 35.05
CA UNK A 469 -1.50 12.91 35.43
C UNK A 469 -0.10 13.10 34.88
N UNK A 470 0.32 14.35 34.68
CA UNK A 470 1.65 14.64 34.16
C UNK A 470 2.51 15.38 35.18
N UNK A 471 3.82 15.24 35.07
CA UNK A 471 4.79 15.82 36.00
C UNK A 471 4.55 15.33 37.43
N UNK A 472 7.46 6.96 34.25
CA UNK A 472 7.97 7.56 35.49
C UNK A 472 7.52 9.00 35.64
N UNK A 473 7.28 9.66 34.51
CA UNK A 473 6.92 11.09 34.50
C UNK A 473 5.40 11.31 34.44
N UNK A 474 4.64 10.23 34.28
CA UNK A 474 3.19 10.29 34.32
C UNK A 474 2.68 9.18 35.22
N UNK A 475 1.40 9.21 35.61
CA UNK A 475 0.90 8.22 36.54
C UNK A 475 -0.54 7.78 36.26
N UNK A 476 -0.83 6.50 36.47
CA UNK A 476 -2.17 5.95 36.28
C UNK A 476 -2.48 4.85 37.29
N UNK A 477 -3.73 4.82 37.77
CA UNK A 477 -4.17 3.79 38.71
C UNK A 477 -5.67 3.55 38.60
N UNK A 478 -6.08 2.31 38.86
CA UNK A 478 -7.49 1.93 38.78
C UNK A 478 -7.83 0.91 39.85
N UNK A 479 -9.10 0.88 40.24
CA UNK A 479 -9.57 -0.10 41.21
C UNK A 479 -11.04 -0.43 40.94
#